data_4Y71
#
_entry.id   4Y71
#
_cell.length_a   56.759
_cell.length_b   72.845
_cell.length_c   78.649
_cell.angle_alpha   90.000
_cell.angle_beta   90.000
_cell.angle_gamma   90.000
#
_symmetry.space_group_name_H-M   'P 21 21 21'
#
loop_
_entity.id
_entity.type
_entity.pdbx_description
1 polymer 'Coagulation factor X'
2 polymer 'Coagulation factor X'
3 non-polymer 'CALCIUM ION'
4 non-polymer '6-chloro-N-{(3S)-1-[(2S)-1-(4-methyl-5-oxo-1,4-diazepan-1-yl)-1-oxopropan-2-yl]-2-oxopyrrolidin-3-yl}naphthalene-2-sulf onamide'
5 water water
#
loop_
_entity_poly.entity_id
_entity_poly.type
_entity_poly.pdbx_seq_one_letter_code
_entity_poly.pdbx_strand_id
1 'polypeptide(L)'
;IVGGQECKDGECPWQALLINEENEGFCGGTILSEFYILTAAHCLYQAKRFKVRVGDRNTEQEEGGEAVHEVEVVIKHNRF
TKETYDFDIAVLRLKTPITFRMNVAPACLPERDWAESTLMTQKTGIVSGFGRTHEKGRQSTRLKMLEVPYVDRNSCKLSS
SFIITQNMFCAGYDTKQEDACQGDSGGPHVTRFKDTYFVTGIVSWGEGCARKGKYGIYTKVTAFLKWIDRSMKTRGLPKA
KSHAPEVITSSPLK
;
A
2 'polypeptide(L)'
;EEMKKGHLERECMEETCSYEEAREVFEDSDKTNEFWNKYKDGDQCETSPCQNQGKCKDGLGEYTCTCLEGFEGKNCELFT
RKLCSLDNGDCDQFCHEEQNSVVCSCARGYTLADNGKACIPTGPYPCGKQTLER
;
B
#
# COMPACT_ATOMS: atom_id res chain seq x y z
N ILE A 1 -5.27 12.95 -2.24
CA ILE A 1 -4.27 12.94 -3.36
C ILE A 1 -4.35 14.24 -4.15
N VAL A 2 -3.24 14.95 -4.18
CA VAL A 2 -3.09 16.17 -4.94
C VAL A 2 -2.56 15.78 -6.31
N GLY A 3 -3.28 16.17 -7.35
CA GLY A 3 -2.92 15.79 -8.72
C GLY A 3 -3.34 14.36 -8.95
N GLY A 4 -2.62 13.64 -9.82
CA GLY A 4 -2.93 12.25 -10.12
C GLY A 4 -4.21 12.11 -10.92
N GLN A 5 -4.84 10.93 -10.85
CA GLN A 5 -6.04 10.64 -11.62
C GLN A 5 -7.04 9.86 -10.78
N GLU A 6 -8.31 9.85 -11.21
CA GLU A 6 -9.32 9.04 -10.57
C GLU A 6 -8.98 7.58 -10.78
N CYS A 7 -9.24 6.73 -9.78
CA CYS A 7 -9.10 5.29 -9.99
C CYS A 7 -10.31 4.89 -10.83
N LYS A 8 -10.06 4.32 -11.99
CA LYS A 8 -11.13 3.84 -12.86
C LYS A 8 -11.55 2.44 -12.42
N ASP A 9 -12.66 1.96 -12.98
CA ASP A 9 -13.24 0.67 -12.58
C ASP A 9 -12.19 -0.45 -12.50
N GLY A 10 -12.09 -1.03 -11.31
CA GLY A 10 -11.14 -2.12 -11.03
C GLY A 10 -9.66 -1.81 -10.90
N GLU A 11 -9.26 -0.55 -10.95
CA GLU A 11 -7.83 -0.21 -10.97
C GLU A 11 -7.10 -0.21 -9.62
N CYS A 12 -7.86 -0.02 -8.54
CA CYS A 12 -7.27 0.11 -7.20
C CYS A 12 -8.10 -0.77 -6.25
N PRO A 13 -8.19 -2.08 -6.56
CA PRO A 13 -9.14 -2.88 -5.78
C PRO A 13 -8.76 -3.19 -4.32
N TRP A 14 -7.52 -2.94 -3.98
CA TRP A 14 -7.01 -3.19 -2.61
C TRP A 14 -7.20 -2.01 -1.72
N GLN A 15 -7.82 -0.93 -2.21
CA GLN A 15 -8.01 0.26 -1.35
C GLN A 15 -9.07 -0.05 -0.28
N ALA A 16 -8.78 0.33 0.96
CA ALA A 16 -9.74 0.24 2.04
C ALA A 16 -9.91 1.64 2.64
N LEU A 17 -11.08 1.91 3.20
CA LEU A 17 -11.35 3.24 3.77
C LEU A 17 -11.85 3.10 5.19
N LEU A 18 -11.20 3.79 6.12
CA LEU A 18 -11.58 3.69 7.52
C LEU A 18 -12.58 4.80 7.70
N ILE A 19 -13.75 4.46 8.23
CA ILE A 19 -14.83 5.43 8.38
C ILE A 19 -15.24 5.52 9.84
N ASN A 20 -15.45 6.75 10.31
CA ASN A 20 -15.78 6.97 11.73
C ASN A 20 -17.26 6.71 12.07
N GLU A 21 -17.63 7.00 13.31
CA GLU A 21 -19.00 6.82 13.79
C GLU A 21 -20.04 7.52 12.93
N GLU A 22 -19.65 8.64 12.32
CA GLU A 22 -20.53 9.41 11.44
C GLU A 22 -20.44 9.03 9.94
N ASN A 23 -19.87 7.86 9.66
CA ASN A 23 -19.68 7.35 8.28
C ASN A 23 -18.83 8.22 7.36
N GLU A 24 -17.90 8.97 7.93
CA GLU A 24 -16.99 9.79 7.14
C GLU A 24 -15.62 9.14 7.10
N GLY A 25 -14.98 9.16 5.93
CA GLY A 25 -13.64 8.61 5.75
C GLY A 25 -12.57 9.49 6.38
N PHE A 26 -11.63 8.89 7.10
CA PHE A 26 -10.57 9.66 7.76
C PHE A 26 -9.15 9.13 7.53
N CYS A 27 -9.05 7.91 7.01
CA CYS A 27 -7.78 7.27 6.72
C CYS A 27 -7.99 6.13 5.72
N GLY A 28 -6.93 5.73 5.04
CA GLY A 28 -7.01 4.59 4.12
C GLY A 28 -6.44 3.33 4.74
N GLY A 29 -6.47 2.26 3.96
CA GLY A 29 -5.92 0.99 4.38
C GLY A 29 -5.67 0.20 3.12
N THR A 30 -4.97 -0.92 3.27
CA THR A 30 -4.75 -1.81 2.15
C THR A 30 -5.27 -3.20 2.48
N ILE A 31 -6.06 -3.77 1.58
CA ILE A 31 -6.56 -5.14 1.78
C ILE A 31 -5.41 -6.13 1.58
N LEU A 32 -5.13 -6.95 2.60
CA LEU A 32 -4.09 -7.96 2.52
C LEU A 32 -4.66 -9.37 2.29
N SER A 33 -5.88 -9.58 2.77
CA SER A 33 -6.52 -10.89 2.64
C SER A 33 -7.99 -10.71 3.01
N GLU A 34 -8.76 -11.80 2.98
CA GLU A 34 -10.17 -11.65 3.33
C GLU A 34 -10.40 -11.13 4.76
N PHE A 35 -9.47 -11.41 5.67
CA PHE A 35 -9.62 -10.98 7.06
C PHE A 35 -8.79 -9.79 7.51
N TYR A 36 -7.72 -9.45 6.78
CA TYR A 36 -6.78 -8.42 7.23
C TYR A 36 -6.62 -7.16 6.39
N ILE A 37 -6.50 -6.04 7.11
CA ILE A 37 -6.26 -4.72 6.54
C ILE A 37 -4.97 -4.15 7.11
N LEU A 38 -4.14 -3.54 6.24
CA LEU A 38 -2.90 -2.88 6.66
C LEU A 38 -3.17 -1.39 6.71
N THR A 39 -2.75 -0.73 7.79
CA THR A 39 -2.95 0.72 7.89
C THR A 39 -1.82 1.37 8.70
N ALA A 40 -1.95 2.66 8.96
CA ALA A 40 -0.98 3.38 9.77
C ALA A 40 -1.45 3.38 11.23
N ALA A 41 -0.51 3.14 12.15
CA ALA A 41 -0.80 3.21 13.59
C ALA A 41 -1.33 4.59 14.01
N HIS A 42 -0.84 5.66 13.38
CA HIS A 42 -1.28 7.02 13.73
C HIS A 42 -2.73 7.28 13.41
N CYS A 43 -3.28 6.52 12.46
CA CYS A 43 -4.70 6.62 12.12
C CYS A 43 -5.61 6.14 13.25
N LEU A 44 -5.08 5.32 14.15
CA LEU A 44 -5.88 4.72 15.23
C LEU A 44 -6.26 5.72 16.31
N TYR A 45 -5.61 6.89 16.28
CA TYR A 45 -5.88 7.95 17.25
C TYR A 45 -6.78 9.01 16.63
N GLN A 46 -7.20 8.79 15.38
CA GLN A 46 -8.03 9.75 14.64
C GLN A 46 -9.54 9.55 14.86
N ALA A 47 -9.92 8.45 15.50
CA ALA A 47 -11.30 8.12 15.83
C ALA A 47 -11.40 7.13 16.99
N LYS A 48 -12.45 7.27 17.79
CA LYS A 48 -12.70 6.39 18.94
C LYS A 48 -13.11 4.99 18.50
N ARG A 49 -14.13 4.93 17.65
CA ARG A 49 -14.63 3.69 17.10
C ARG A 49 -14.67 3.89 15.58
N PHE A 50 -14.36 2.83 14.83
CA PHE A 50 -14.36 2.93 13.36
C PHE A 50 -14.64 1.59 12.68
N LYS A 51 -15.06 1.69 11.42
CA LYS A 51 -15.34 0.53 10.59
C LYS A 51 -14.51 0.61 9.29
N VAL A 52 -14.51 -0.46 8.51
CA VAL A 52 -13.74 -0.47 7.25
C VAL A 52 -14.67 -0.67 6.05
N ARG A 53 -14.62 0.25 5.12
CA ARG A 53 -15.39 0.13 3.87
C ARG A 53 -14.46 -0.29 2.72
N VAL A 54 -14.93 -1.23 1.90
CA VAL A 54 -14.18 -1.68 0.73
C VAL A 54 -15.09 -1.61 -0.50
N GLY A 55 -14.49 -1.52 -1.69
CA GLY A 55 -15.22 -1.54 -2.95
C GLY A 55 -15.86 -0.24 -3.38
N ASP A 56 -15.56 0.80 -2.62
CA ASP A 56 -16.13 2.13 -2.82
C ASP A 56 -15.16 2.96 -3.65
N ARG A 57 -15.65 3.55 -4.74
CA ARG A 57 -14.83 4.47 -5.55
C ARG A 57 -15.41 5.87 -5.46
N ASN A 58 -16.70 5.94 -5.14
CA ASN A 58 -17.43 7.19 -5.02
C ASN A 58 -18.24 7.12 -3.75
N THR A 59 -17.86 7.92 -2.75
CA THR A 59 -18.56 7.91 -1.46
C THR A 59 -19.96 8.55 -1.46
N GLU A 60 -20.37 9.13 -2.60
CA GLU A 60 -21.69 9.74 -2.71
C GLU A 60 -22.83 8.86 -3.24
N GLN A 61 -22.48 7.78 -3.95
CA GLN A 61 -23.49 6.88 -4.50
C GLN A 61 -23.40 5.48 -3.89
N GLU A 62 -24.54 4.80 -3.81
CA GLU A 62 -24.57 3.42 -3.32
C GLU A 62 -24.78 2.49 -4.51
N GLU A 63 -23.68 1.95 -5.02
CA GLU A 63 -23.72 1.05 -6.18
C GLU A 63 -24.23 -0.35 -5.82
N GLY A 64 -23.49 -1.05 -4.96
CA GLY A 64 -23.83 -2.41 -4.56
C GLY A 64 -22.60 -3.29 -4.36
N GLY A 65 -21.43 -2.76 -4.72
CA GLY A 65 -20.16 -3.46 -4.56
C GLY A 65 -19.45 -3.12 -3.26
N GLU A 66 -19.88 -2.01 -2.66
CA GLU A 66 -19.35 -1.50 -1.39
C GLU A 66 -19.83 -2.36 -0.22
N ALA A 67 -18.94 -2.61 0.74
CA ALA A 67 -19.28 -3.42 1.91
C ALA A 67 -18.58 -2.85 3.14
N VAL A 68 -19.30 -2.83 4.26
CA VAL A 68 -18.77 -2.30 5.52
C VAL A 68 -18.43 -3.45 6.43
N HIS A 69 -17.23 -3.41 7.01
CA HIS A 69 -16.78 -4.44 7.92
C HIS A 69 -16.41 -3.89 9.24
N GLU A 70 -16.82 -4.59 10.30
CA GLU A 70 -16.45 -4.19 11.64
C GLU A 70 -15.11 -4.82 11.96
N VAL A 71 -14.34 -4.12 12.79
CA VAL A 71 -13.01 -4.57 13.19
C VAL A 71 -13.09 -5.42 14.45
N GLU A 72 -12.48 -6.60 14.40
CA GLU A 72 -12.47 -7.50 15.54
C GLU A 72 -11.27 -7.22 16.45
N VAL A 73 -10.08 -7.12 15.85
CA VAL A 73 -8.84 -6.92 16.60
C VAL A 73 -7.99 -5.85 15.93
N VAL A 74 -7.49 -4.90 16.73
CA VAL A 74 -6.55 -3.88 16.26
C VAL A 74 -5.15 -4.27 16.75
N ILE A 75 -4.22 -4.49 15.83
CA ILE A 75 -2.85 -4.87 16.17
C ILE A 75 -1.95 -3.71 15.78
N LYS A 76 -1.56 -2.92 16.78
CA LYS A 76 -0.75 -1.72 16.60
C LYS A 76 0.69 -2.05 16.95
N HIS A 77 1.65 -1.60 16.14
CA HIS A 77 3.06 -1.85 16.46
C HIS A 77 3.39 -1.21 17.80
N ASN A 78 3.93 -1.99 18.72
CA ASN A 78 4.25 -1.51 20.09
C ASN A 78 5.31 -0.41 20.19
N ARG A 79 6.07 -0.19 19.11
CA ARG A 79 7.12 0.82 19.09
C ARG A 79 6.71 2.10 18.37
N PHE A 80 5.45 2.19 17.95
CA PHE A 80 4.97 3.40 17.33
C PHE A 80 5.15 4.59 18.27
N THR A 81 5.68 5.69 17.76
CA THR A 81 5.88 6.89 18.55
C THR A 81 5.31 8.11 17.84
N LYS A 82 4.43 8.82 18.55
CA LYS A 82 3.80 10.03 18.02
C LYS A 82 4.80 11.12 17.62
N GLU A 83 5.93 11.16 18.34
CA GLU A 83 6.96 12.19 18.16
C GLU A 83 7.56 12.24 16.75
N THR A 84 7.90 11.07 16.21
CA THR A 84 8.59 10.97 14.94
C THR A 84 7.80 10.18 13.87
N TYR A 85 6.73 9.50 14.29
CA TYR A 85 5.96 8.56 13.43
C TYR A 85 6.77 7.34 13.00
N ASP A 86 7.79 7.01 13.78
CA ASP A 86 8.56 5.82 13.52
C ASP A 86 7.65 4.65 13.88
N PHE A 87 7.80 3.53 13.16
CA PHE A 87 6.94 2.34 13.33
C PHE A 87 5.46 2.68 13.08
N ASP A 88 5.18 3.47 12.04
CA ASP A 88 3.81 3.86 11.78
C ASP A 88 3.08 2.73 11.01
N ILE A 89 2.65 1.71 11.74
CA ILE A 89 2.01 0.52 11.12
C ILE A 89 1.05 -0.17 12.06
N ALA A 90 -0.05 -0.66 11.49
CA ALA A 90 -1.01 -1.46 12.24
C ALA A 90 -1.70 -2.44 11.30
N VAL A 91 -2.14 -3.55 11.87
CA VAL A 91 -2.90 -4.53 11.11
C VAL A 91 -4.26 -4.72 11.80
N LEU A 92 -5.33 -4.75 10.99
CA LEU A 92 -6.68 -4.92 11.50
C LEU A 92 -7.22 -6.27 11.09
N ARG A 93 -7.81 -7.00 12.03
CA ARG A 93 -8.46 -8.26 11.69
C ARG A 93 -9.95 -7.95 11.68
N LEU A 94 -10.64 -8.33 10.62
CA LEU A 94 -12.05 -8.02 10.53
C LEU A 94 -12.92 -9.11 11.19
N LYS A 95 -14.14 -8.75 11.59
CA LYS A 95 -15.09 -9.70 12.19
C LYS A 95 -15.60 -10.72 11.17
N THR A 96 -15.85 -10.24 9.95
CA THR A 96 -16.37 -11.08 8.87
C THR A 96 -15.43 -10.93 7.66
N PRO A 97 -15.32 -11.98 6.81
CA PRO A 97 -14.42 -11.91 5.65
C PRO A 97 -14.89 -11.02 4.50
N ILE A 98 -13.93 -10.39 3.82
CA ILE A 98 -14.24 -9.56 2.68
C ILE A 98 -14.57 -10.44 1.49
N THR A 99 -15.62 -10.09 0.77
CA THR A 99 -15.97 -10.80 -0.47
C THR A 99 -15.26 -10.11 -1.62
N PHE A 100 -14.34 -10.83 -2.26
CA PHE A 100 -13.61 -10.29 -3.39
C PHE A 100 -14.53 -10.25 -4.59
N ARG A 101 -14.37 -9.19 -5.39
CA ARG A 101 -15.26 -8.91 -6.54
C ARG A 101 -14.65 -7.74 -7.29
N MET A 102 -15.35 -7.27 -8.31
CA MET A 102 -14.92 -6.06 -9.02
C MET A 102 -14.64 -4.98 -7.97
N ASN A 103 -13.47 -4.36 -8.06
CA ASN A 103 -13.03 -3.32 -7.14
C ASN A 103 -12.72 -3.77 -5.71
N VAL A 104 -12.69 -5.08 -5.45
CA VAL A 104 -12.29 -5.56 -4.12
C VAL A 104 -11.41 -6.80 -4.24
N ALA A 105 -10.12 -6.63 -4.01
CA ALA A 105 -9.14 -7.71 -4.13
C ALA A 105 -7.89 -7.33 -3.30
N PRO A 106 -7.16 -8.34 -2.80
CA PRO A 106 -5.99 -7.96 -2.01
C PRO A 106 -4.76 -7.57 -2.86
N ALA A 107 -3.84 -6.80 -2.28
CA ALA A 107 -2.54 -6.54 -2.90
C ALA A 107 -1.62 -7.64 -2.40
N CYS A 108 -0.58 -7.96 -3.15
CA CYS A 108 0.35 -9.01 -2.73
C CYS A 108 1.40 -8.51 -1.77
N LEU A 109 1.73 -9.35 -0.79
CA LEU A 109 2.87 -9.09 0.10
C LEU A 109 4.07 -9.75 -0.53
N PRO A 110 5.14 -8.98 -0.76
CA PRO A 110 6.31 -9.53 -1.42
C PRO A 110 7.27 -10.19 -0.41
N GLU A 111 8.30 -10.88 -0.88
CA GLU A 111 9.35 -11.35 0.04
C GLU A 111 10.30 -10.20 0.26
N ARG A 112 10.88 -10.11 1.45
CA ARG A 112 11.73 -8.97 1.79
C ARG A 112 12.92 -8.67 0.87
N ASP A 113 13.86 -9.61 0.73
CA ASP A 113 15.04 -9.36 -0.11
C ASP A 113 14.72 -8.95 -1.54
N TRP A 114 13.80 -9.69 -2.15
CA TRP A 114 13.36 -9.41 -3.50
C TRP A 114 12.70 -8.05 -3.62
N ALA A 115 11.85 -7.70 -2.65
CA ALA A 115 11.21 -6.37 -2.66
C ALA A 115 12.27 -5.27 -2.57
N GLU A 116 13.23 -5.44 -1.65
CA GLU A 116 14.28 -4.44 -1.51
C GLU A 116 15.12 -4.33 -2.78
N SER A 117 15.46 -5.46 -3.40
CA SER A 117 16.32 -5.39 -4.57
C SER A 117 15.60 -5.13 -5.91
N THR A 118 14.33 -5.50 -5.98
CA THR A 118 13.60 -5.43 -7.25
C THR A 118 12.46 -4.44 -7.28
N LEU A 119 11.68 -4.36 -6.20
CA LEU A 119 10.56 -3.42 -6.19
C LEU A 119 10.97 -1.99 -5.85
N MET A 120 11.76 -1.84 -4.80
CA MET A 120 12.12 -0.50 -4.38
C MET A 120 13.16 0.19 -5.24
N THR A 121 13.70 -0.56 -6.18
CA THR A 121 14.66 -0.04 -7.16
C THR A 121 13.97 0.33 -8.47
N GLN A 122 12.64 0.16 -8.55
CA GLN A 122 11.87 0.59 -9.74
C GLN A 122 11.83 2.11 -9.71
N LYS A 123 11.44 2.72 -10.82
CA LYS A 123 11.36 4.17 -10.89
C LYS A 123 10.28 4.75 -10.01
N THR A 124 9.12 4.08 -10.02
CA THR A 124 7.93 4.58 -9.34
C THR A 124 7.09 3.53 -8.66
N GLY A 125 6.22 4.03 -7.79
CA GLY A 125 5.20 3.27 -7.07
C GLY A 125 3.89 4.03 -7.29
N ILE A 126 2.80 3.55 -6.72
CA ILE A 126 1.51 4.20 -6.88
C ILE A 126 0.89 4.34 -5.52
N VAL A 127 0.49 5.57 -5.18
CA VAL A 127 -0.22 5.84 -3.93
C VAL A 127 -1.70 6.13 -4.24
N SER A 128 -2.63 5.76 -3.35
CA SER A 128 -4.02 6.03 -3.61
C SER A 128 -4.78 6.41 -2.36
N GLY A 129 -5.93 7.06 -2.54
CA GLY A 129 -6.77 7.40 -1.42
C GLY A 129 -7.85 8.43 -1.71
N PHE A 130 -8.66 8.65 -0.69
CA PHE A 130 -9.76 9.61 -0.66
C PHE A 130 -9.39 10.90 0.07
N GLY A 131 -8.10 11.11 0.31
CA GLY A 131 -7.64 12.32 1.01
C GLY A 131 -7.90 13.62 0.27
N ARG A 132 -7.50 14.73 0.87
CA ARG A 132 -7.64 16.04 0.26
C ARG A 132 -6.97 16.16 -1.11
N THR A 133 -7.61 16.93 -1.99
CA THR A 133 -7.07 17.17 -3.33
C THR A 133 -6.21 18.45 -3.37
N HIS A 134 -6.23 19.18 -2.25
CA HIS A 134 -5.39 20.38 -2.06
C HIS A 134 -5.10 20.46 -0.60
N GLU A 135 -3.98 21.10 -0.22
CA GLU A 135 -3.60 21.14 1.19
C GLU A 135 -4.73 21.62 2.14
N LYS A 136 -5.45 22.67 1.75
CA LYS A 136 -6.51 23.19 2.64
C LYS A 136 -7.97 22.73 2.44
N GLY A 137 -8.26 21.98 1.38
CA GLY A 137 -9.62 21.55 1.05
C GLY A 137 -10.27 20.44 1.89
N ARG A 138 -11.33 19.86 1.34
CA ARG A 138 -12.04 18.76 2.01
C ARG A 138 -11.66 17.41 1.37
N GLN A 139 -12.07 16.32 2.00
CA GLN A 139 -11.81 14.94 1.52
C GLN A 139 -12.43 14.73 0.13
N SER A 140 -11.77 13.96 -0.71
CA SER A 140 -12.27 13.66 -2.06
C SER A 140 -13.41 12.65 -1.94
N THR A 141 -14.45 12.84 -2.75
CA THR A 141 -15.55 11.86 -2.77
C THR A 141 -15.20 10.77 -3.79
N ARG A 142 -14.10 10.97 -4.52
CA ARG A 142 -13.67 10.00 -5.52
C ARG A 142 -12.32 9.45 -5.14
N LEU A 143 -12.15 8.15 -5.35
CA LEU A 143 -10.85 7.53 -5.11
C LEU A 143 -9.87 7.97 -6.18
N LYS A 144 -8.69 8.39 -5.74
CA LYS A 144 -7.66 8.86 -6.65
C LYS A 144 -6.38 8.04 -6.52
N MET A 145 -5.57 8.05 -7.58
N MET A 145 -5.57 8.08 -7.57
CA MET A 145 -4.27 7.38 -7.57
CA MET A 145 -4.28 7.38 -7.58
C MET A 145 -3.24 8.28 -8.21
C MET A 145 -3.25 8.36 -8.09
N LEU A 146 -1.98 8.08 -7.82
CA LEU A 146 -0.90 8.91 -8.28
C LEU A 146 0.37 8.11 -8.38
N GLU A 147 1.04 8.21 -9.52
N GLU A 147 1.04 8.23 -9.52
CA GLU A 147 2.35 7.57 -9.69
CA GLU A 147 2.34 7.57 -9.72
C GLU A 147 3.35 8.46 -8.98
C GLU A 147 3.38 8.45 -9.01
N VAL A 148 4.15 7.86 -8.09
CA VAL A 148 5.15 8.60 -7.34
C VAL A 148 6.53 8.00 -7.51
N PRO A 149 7.50 8.80 -7.99
CA PRO A 149 8.85 8.29 -8.12
C PRO A 149 9.46 7.99 -6.75
N TYR A 150 10.25 6.93 -6.71
CA TYR A 150 11.03 6.61 -5.53
C TYR A 150 12.10 7.70 -5.42
N VAL A 151 12.35 8.19 -4.21
CA VAL A 151 13.33 9.25 -4.00
C VAL A 151 14.60 8.66 -3.38
N ASP A 152 15.74 9.14 -3.88
CA ASP A 152 17.05 8.77 -3.36
C ASP A 152 17.05 9.04 -1.87
N ARG A 153 17.51 8.08 -1.09
CA ARG A 153 17.52 8.19 0.35
C ARG A 153 18.33 9.39 0.90
N ASN A 154 19.49 9.64 0.29
CA ASN A 154 20.29 10.81 0.67
C ASN A 154 19.51 12.11 0.44
N SER A 155 18.92 12.23 -0.75
CA SER A 155 18.14 13.42 -1.10
C SER A 155 17.03 13.63 -0.09
N CYS A 156 16.31 12.56 0.23
CA CYS A 156 15.20 12.71 1.15
C CYS A 156 15.63 13.24 2.51
N LYS A 157 16.72 12.70 3.05
CA LYS A 157 17.22 13.13 4.35
C LYS A 157 17.59 14.61 4.32
N LEU A 158 18.23 15.05 3.23
CA LEU A 158 18.59 16.46 3.09
C LEU A 158 17.36 17.38 3.01
N SER A 159 16.30 16.94 2.34
CA SER A 159 15.08 17.74 2.17
C SER A 159 14.23 17.87 3.44
N SER A 160 14.42 16.95 4.37
CA SER A 160 13.55 16.87 5.54
C SER A 160 14.00 17.61 6.78
N SER A 161 13.02 18.28 7.41
CA SER A 161 13.22 19.00 8.67
C SER A 161 13.20 18.01 9.83
N PHE A 162 12.73 16.79 9.57
CA PHE A 162 12.61 15.78 10.60
C PHE A 162 13.36 14.51 10.21
N ILE A 163 13.70 13.70 11.20
CA ILE A 163 14.45 12.46 10.96
C ILE A 163 13.69 11.45 10.10
N ILE A 164 14.38 10.90 9.11
CA ILE A 164 13.85 9.85 8.25
C ILE A 164 14.55 8.58 8.71
N THR A 165 13.85 7.75 9.47
CA THR A 165 14.39 6.50 10.01
C THR A 165 14.46 5.42 8.95
N GLN A 166 15.09 4.29 9.27
CA GLN A 166 15.17 3.17 8.34
C GLN A 166 13.82 2.47 8.12
N ASN A 167 12.82 2.84 8.92
CA ASN A 167 11.47 2.31 8.75
C ASN A 167 10.62 3.17 7.84
N MET A 168 11.26 4.15 7.17
CA MET A 168 10.58 5.09 6.32
C MET A 168 11.31 5.21 5.00
N PHE A 169 10.58 5.63 3.98
CA PHE A 169 11.16 5.96 2.68
C PHE A 169 10.40 7.13 2.09
N CYS A 170 10.98 7.75 1.07
CA CYS A 170 10.39 8.92 0.45
C CYS A 170 10.02 8.67 -0.98
N ALA A 171 8.93 9.30 -1.39
CA ALA A 171 8.47 9.18 -2.76
C ALA A 171 7.76 10.45 -3.15
N GLY A 172 7.77 10.74 -4.45
CA GLY A 172 7.05 11.91 -4.89
C GLY A 172 7.92 12.82 -5.72
N TYR A 173 7.61 14.10 -5.62
CA TYR A 173 8.24 15.10 -6.48
C TYR A 173 8.85 16.26 -5.71
N ASP A 174 9.92 16.81 -6.27
CA ASP A 174 10.61 17.95 -5.67
C ASP A 174 9.71 19.20 -5.72
N THR A 175 9.31 19.58 -6.93
CA THR A 175 8.50 20.78 -7.12
C THR A 175 7.13 20.52 -7.75
N LYS A 176 7.04 19.50 -8.61
CA LYS A 176 5.77 19.16 -9.27
C LYS A 176 4.67 19.00 -8.22
N GLN A 177 3.53 19.64 -8.46
CA GLN A 177 2.44 19.72 -7.50
C GLN A 177 1.54 18.48 -7.45
N GLU A 178 2.13 17.37 -6.97
CA GLU A 178 1.43 16.09 -6.82
C GLU A 178 1.98 15.39 -5.60
N ASP A 179 1.09 14.88 -4.74
CA ASP A 179 1.49 14.21 -3.50
C ASP A 179 0.26 13.57 -2.88
N ALA A 180 0.49 12.73 -1.86
CA ALA A 180 -0.59 12.27 -1.01
C ALA A 180 -0.86 13.50 -0.12
N CYS A 181 -1.92 13.46 0.66
CA CYS A 181 -2.31 14.61 1.50
C CYS A 181 -3.17 14.11 2.66
N GLN A 182 -3.64 15.02 3.51
CA GLN A 182 -4.47 14.64 4.67
C GLN A 182 -5.64 13.74 4.33
N GLY A 183 -5.76 12.65 5.08
CA GLY A 183 -6.83 11.67 4.87
C GLY A 183 -6.37 10.47 4.05
N ASP A 184 -5.24 10.62 3.35
CA ASP A 184 -4.62 9.51 2.57
C ASP A 184 -3.79 8.59 3.46
N SER A 185 -3.44 9.09 4.63
CA SER A 185 -2.73 8.32 5.65
C SER A 185 -3.27 6.90 5.87
N GLY A 186 -2.36 5.93 5.94
CA GLY A 186 -2.72 4.54 6.18
C GLY A 186 -3.00 3.77 4.90
N GLY A 187 -3.12 4.48 3.79
CA GLY A 187 -3.48 3.88 2.52
C GLY A 187 -2.32 3.22 1.81
N PRO A 188 -2.58 2.64 0.63
CA PRO A 188 -1.56 1.88 -0.06
C PRO A 188 -0.55 2.68 -0.85
N HIS A 189 0.69 2.24 -0.74
CA HIS A 189 1.74 2.53 -1.68
C HIS A 189 2.07 1.16 -2.26
N VAL A 190 1.80 0.95 -3.55
CA VAL A 190 2.08 -0.33 -4.19
C VAL A 190 3.07 -0.15 -5.38
N THR A 191 3.75 -1.23 -5.74
CA THR A 191 4.70 -1.18 -6.83
C THR A 191 4.32 -2.28 -7.81
N ARG A 192 4.25 -1.90 -9.09
CA ARG A 192 3.88 -2.84 -10.13
C ARG A 192 5.13 -3.56 -10.63
N PHE A 193 5.04 -4.89 -10.71
CA PHE A 193 6.07 -5.67 -11.36
C PHE A 193 5.36 -6.71 -12.26
N LYS A 194 5.61 -6.65 -13.58
CA LYS A 194 4.91 -7.58 -14.53
C LYS A 194 3.39 -7.70 -14.31
N ASP A 195 2.71 -6.57 -14.27
CA ASP A 195 1.26 -6.52 -14.08
C ASP A 195 0.71 -7.10 -12.77
N THR A 196 1.58 -7.19 -11.76
CA THR A 196 1.20 -7.63 -10.42
C THR A 196 1.62 -6.53 -9.46
N TYR A 197 0.70 -6.14 -8.58
CA TYR A 197 0.95 -5.03 -7.66
C TYR A 197 1.26 -5.54 -6.27
N PHE A 198 2.41 -5.10 -5.74
CA PHE A 198 2.87 -5.54 -4.41
C PHE A 198 2.84 -4.39 -3.43
N VAL A 199 2.35 -4.63 -2.21
CA VAL A 199 2.41 -3.60 -1.17
C VAL A 199 3.86 -3.27 -0.80
N THR A 200 4.22 -1.99 -0.93
CA THR A 200 5.56 -1.53 -0.62
C THR A 200 5.61 -0.43 0.44
N GLY A 201 4.50 0.26 0.65
CA GLY A 201 4.51 1.31 1.63
C GLY A 201 3.15 1.61 2.23
N ILE A 202 3.17 2.36 3.32
CA ILE A 202 1.95 2.85 3.94
C ILE A 202 2.05 4.38 3.98
N VAL A 203 1.04 5.09 3.45
CA VAL A 203 1.05 6.57 3.49
C VAL A 203 1.20 7.00 4.95
N SER A 204 2.26 7.76 5.28
CA SER A 204 2.53 8.10 6.69
C SER A 204 2.43 9.60 7.02
N TRP A 205 3.31 10.41 6.42
CA TRP A 205 3.31 11.85 6.74
C TRP A 205 4.07 12.69 5.73
N GLY A 206 3.96 14.02 5.84
CA GLY A 206 4.67 14.92 4.95
C GLY A 206 4.63 16.31 5.57
N GLU A 207 5.53 17.18 5.13
CA GLU A 207 5.54 18.57 5.64
C GLU A 207 4.63 19.34 4.69
N GLY A 208 3.34 19.27 5.00
CA GLY A 208 2.32 19.82 4.10
C GLY A 208 2.07 18.83 2.98
N CYS A 209 1.47 19.31 1.90
CA CYS A 209 1.17 18.47 0.74
C CYS A 209 1.73 19.13 -0.50
N ALA A 210 2.55 18.38 -1.25
CA ALA A 210 3.10 18.82 -2.53
C ALA A 210 3.86 20.14 -2.45
N ARG A 211 4.57 20.34 -1.35
CA ARG A 211 5.37 21.55 -1.13
C ARG A 211 6.73 21.46 -1.79
N LYS A 212 7.21 22.59 -2.32
CA LYS A 212 8.52 22.64 -2.96
C LYS A 212 9.62 22.18 -2.00
N GLY A 213 10.49 21.34 -2.53
CA GLY A 213 11.63 20.80 -1.78
C GLY A 213 11.27 19.74 -0.75
N LYS A 214 10.02 19.30 -0.73
CA LYS A 214 9.58 18.26 0.21
C LYS A 214 8.99 17.05 -0.51
N TYR A 215 9.08 15.89 0.12
CA TYR A 215 8.55 14.64 -0.45
C TYR A 215 7.53 14.02 0.50
N GLY A 216 6.79 13.02 0.02
CA GLY A 216 5.87 12.27 0.88
C GLY A 216 6.68 11.20 1.61
N ILE A 217 6.32 10.94 2.86
CA ILE A 217 7.01 9.95 3.69
C ILE A 217 6.11 8.75 3.94
N TYR A 218 6.64 7.58 3.65
CA TYR A 218 5.91 6.33 3.74
C TYR A 218 6.57 5.34 4.67
N THR A 219 5.75 4.56 5.37
CA THR A 219 6.27 3.43 6.14
C THR A 219 6.84 2.38 5.19
N LYS A 220 8.03 1.89 5.50
CA LYS A 220 8.73 0.93 4.64
C LYS A 220 8.21 -0.46 5.01
N VAL A 221 7.29 -0.95 4.21
CA VAL A 221 6.69 -2.24 4.49
C VAL A 221 7.70 -3.39 4.58
N THR A 222 8.78 -3.34 3.80
CA THR A 222 9.78 -4.42 3.81
C THR A 222 10.43 -4.63 5.16
N ALA A 223 10.41 -3.59 5.99
CA ALA A 223 10.99 -3.71 7.33
C ALA A 223 10.07 -4.43 8.30
N PHE A 224 8.80 -4.60 7.91
CA PHE A 224 7.79 -5.19 8.77
C PHE A 224 7.11 -6.46 8.23
N LEU A 225 7.68 -7.06 7.20
CA LEU A 225 7.07 -8.24 6.59
C LEU A 225 6.92 -9.40 7.57
N LYS A 226 7.96 -9.67 8.37
CA LYS A 226 7.84 -10.73 9.37
C LYS A 226 6.78 -10.37 10.40
N TRP A 227 6.78 -9.12 10.87
CA TRP A 227 5.79 -8.60 11.81
C TRP A 227 4.40 -8.76 11.29
N ILE A 228 4.19 -8.36 10.03
CA ILE A 228 2.89 -8.51 9.36
C ILE A 228 2.48 -9.99 9.33
N ASP A 229 3.39 -10.85 8.87
CA ASP A 229 3.15 -12.30 8.84
C ASP A 229 2.69 -12.84 10.19
N ARG A 230 3.39 -12.44 11.26
CA ARG A 230 3.05 -12.85 12.62
C ARG A 230 1.69 -12.32 13.05
N SER A 231 1.39 -11.07 12.67
CA SER A 231 0.11 -10.45 12.98
C SER A 231 -1.07 -11.12 12.29
N MET A 232 -0.85 -11.71 11.13
CA MET A 232 -1.94 -12.37 10.39
C MET A 232 -2.16 -13.83 10.79
N LYS A 233 -1.36 -14.31 11.75
CA LYS A 233 -1.48 -15.71 12.19
C LYS A 233 -2.12 -15.88 13.58
N THR A 234 -2.27 -14.77 14.29
CA THR A 234 -2.88 -14.76 15.62
C THR A 234 -3.45 -13.39 15.96
N ARG B 81 25.50 -7.97 -14.90
CA ARG B 81 24.20 -8.57 -14.45
C ARG B 81 24.09 -10.04 -14.81
N LYS B 82 23.93 -10.88 -13.78
CA LYS B 82 23.79 -12.31 -13.95
C LYS B 82 22.68 -12.82 -13.02
N LEU B 83 22.20 -14.04 -13.28
CA LEU B 83 21.14 -14.69 -12.52
C LEU B 83 19.93 -13.78 -12.21
N CYS B 84 19.61 -13.59 -10.93
CA CYS B 84 18.47 -12.73 -10.57
C CYS B 84 18.63 -11.26 -10.99
N SER B 85 19.86 -10.82 -11.22
CA SER B 85 20.07 -9.42 -11.64
C SER B 85 19.83 -9.25 -13.13
N LEU B 86 19.70 -10.38 -13.83
CA LEU B 86 19.47 -10.39 -15.26
C LEU B 86 17.98 -10.64 -15.48
N ASP B 87 17.27 -9.55 -15.77
CA ASP B 87 15.83 -9.53 -16.03
C ASP B 87 15.04 -10.41 -15.04
N ASN B 88 15.35 -10.26 -13.74
CA ASN B 88 14.67 -11.00 -12.68
C ASN B 88 14.79 -12.54 -12.81
N GLY B 89 15.86 -13.00 -13.44
CA GLY B 89 16.10 -14.44 -13.68
C GLY B 89 15.00 -15.06 -14.54
N ASP B 90 14.27 -14.21 -15.27
CA ASP B 90 13.14 -14.62 -16.13
C ASP B 90 11.92 -15.08 -15.28
N CYS B 91 11.94 -14.82 -13.96
CA CYS B 91 10.84 -15.20 -13.06
C CYS B 91 9.70 -14.19 -13.15
N ASP B 92 8.47 -14.69 -13.00
CA ASP B 92 7.28 -13.80 -12.96
C ASP B 92 7.29 -12.94 -11.70
N GLN B 93 7.66 -13.55 -10.59
CA GLN B 93 7.64 -12.86 -9.31
C GLN B 93 8.97 -12.97 -8.57
N PHE B 94 9.00 -13.68 -7.44
CA PHE B 94 10.22 -13.74 -6.61
C PHE B 94 11.36 -14.51 -7.29
N CYS B 95 12.57 -13.96 -7.19
CA CYS B 95 13.77 -14.63 -7.70
C CYS B 95 14.76 -14.75 -6.55
N HIS B 96 15.36 -15.94 -6.42
CA HIS B 96 16.39 -16.25 -5.41
C HIS B 96 17.51 -16.95 -6.10
N GLU B 97 18.72 -16.75 -5.59
CA GLU B 97 19.87 -17.45 -6.15
C GLU B 97 20.28 -18.50 -5.13
N GLU B 98 20.26 -19.76 -5.57
CA GLU B 98 20.68 -20.88 -4.76
C GLU B 98 21.72 -21.65 -5.55
N GLN B 99 22.87 -21.88 -4.92
CA GLN B 99 23.97 -22.63 -5.53
C GLN B 99 24.26 -22.19 -6.96
N ASN B 100 24.42 -20.87 -7.16
CA ASN B 100 24.71 -20.32 -8.51
C ASN B 100 23.61 -20.46 -9.57
N SER B 101 22.38 -20.74 -9.13
CA SER B 101 21.27 -20.87 -10.07
C SER B 101 19.98 -20.21 -9.57
N VAL B 102 19.18 -19.77 -10.54
CA VAL B 102 17.92 -19.09 -10.25
C VAL B 102 16.84 -20.05 -9.73
N VAL B 103 16.14 -19.64 -8.66
CA VAL B 103 15.00 -20.38 -8.17
C VAL B 103 13.84 -19.34 -8.07
N CYS B 104 12.81 -19.51 -8.90
CA CYS B 104 11.66 -18.60 -8.88
C CYS B 104 10.65 -19.10 -7.87
N SER B 105 9.86 -18.19 -7.33
CA SER B 105 8.77 -18.55 -6.45
C SER B 105 7.67 -17.50 -6.61
N CYS B 106 6.52 -17.72 -5.99
CA CYS B 106 5.34 -16.86 -6.14
C CYS B 106 4.70 -16.47 -4.82
N ALA B 107 3.86 -15.44 -4.87
CA ALA B 107 3.11 -14.98 -3.72
C ALA B 107 2.02 -15.97 -3.36
N ARG B 108 1.49 -15.83 -2.14
CA ARG B 108 0.41 -16.70 -1.65
C ARG B 108 -0.79 -16.59 -2.57
N GLY B 109 -1.38 -17.71 -2.92
CA GLY B 109 -2.51 -17.70 -3.84
C GLY B 109 -2.11 -17.91 -5.29
N TYR B 110 -0.81 -18.11 -5.52
CA TYR B 110 -0.28 -18.46 -6.85
C TYR B 110 0.50 -19.77 -6.75
N THR B 111 0.52 -20.53 -7.84
CA THR B 111 1.35 -21.74 -7.89
C THR B 111 2.40 -21.54 -8.97
N LEU B 112 3.60 -22.05 -8.75
CA LEU B 112 4.65 -21.99 -9.76
C LEU B 112 4.28 -22.94 -10.92
N ALA B 113 4.32 -22.40 -12.14
CA ALA B 113 4.02 -23.18 -13.35
C ALA B 113 5.05 -24.29 -13.60
N ASP B 114 4.72 -25.21 -14.51
CA ASP B 114 5.62 -26.32 -14.86
C ASP B 114 7.01 -25.86 -15.30
N ASN B 115 7.08 -24.72 -15.98
CA ASN B 115 8.37 -24.19 -16.44
C ASN B 115 9.21 -23.62 -15.29
N GLY B 116 8.64 -23.61 -14.09
CA GLY B 116 9.33 -23.13 -12.89
C GLY B 116 9.62 -21.65 -12.86
N LYS B 117 8.91 -20.88 -13.68
CA LYS B 117 9.16 -19.44 -13.81
C LYS B 117 7.88 -18.62 -13.66
N ALA B 118 6.82 -19.03 -14.37
CA ALA B 118 5.54 -18.30 -14.35
C ALA B 118 4.75 -18.60 -13.09
N CYS B 119 3.92 -17.64 -12.68
CA CYS B 119 3.06 -17.82 -11.52
C CYS B 119 1.61 -17.90 -11.97
N ILE B 120 0.93 -18.96 -11.58
CA ILE B 120 -0.46 -19.20 -11.97
C ILE B 120 -1.41 -19.00 -10.79
N PRO B 121 -2.42 -18.11 -10.95
CA PRO B 121 -3.41 -17.83 -9.90
C PRO B 121 -4.13 -19.14 -9.55
N THR B 122 -4.18 -19.49 -8.27
CA THR B 122 -4.83 -20.74 -7.84
C THR B 122 -6.34 -20.68 -7.98
N GLY B 123 -6.91 -19.53 -7.66
CA GLY B 123 -8.34 -19.33 -7.72
C GLY B 123 -8.69 -17.92 -8.16
N PRO B 124 -9.96 -17.54 -7.99
CA PRO B 124 -10.39 -16.21 -8.42
C PRO B 124 -9.86 -15.11 -7.47
N TYR B 125 -9.77 -13.90 -8.03
CA TYR B 125 -9.25 -12.71 -7.31
C TYR B 125 -7.88 -12.92 -6.66
N PRO B 126 -6.87 -13.31 -7.46
CA PRO B 126 -5.52 -13.47 -6.96
C PRO B 126 -5.01 -12.10 -6.49
N CYS B 127 -4.14 -12.10 -5.49
CA CYS B 127 -3.60 -10.84 -5.02
C CYS B 127 -2.83 -10.09 -6.11
N GLY B 128 -2.89 -8.78 -6.03
CA GLY B 128 -2.06 -7.92 -6.89
C GLY B 128 -2.57 -7.74 -8.30
N LYS B 129 -3.76 -8.26 -8.60
CA LYS B 129 -4.30 -8.08 -9.95
C LYS B 129 -5.45 -7.09 -9.98
N GLN B 130 -5.37 -6.09 -10.86
CA GLN B 130 -6.52 -5.21 -11.09
C GLN B 130 -7.71 -6.06 -11.54
N THR B 131 -8.92 -5.69 -11.14
CA THR B 131 -10.11 -6.50 -11.44
C THR B 131 -10.80 -6.10 -12.75
N LEU B 132 -10.94 -7.08 -13.66
CA LEU B 132 -11.60 -6.92 -14.99
C LEU B 132 -11.15 -5.71 -15.81
#